data_8XTR
#
_entry.id   8XTR
#
loop_
_entity.id
_entity.type
_entity.pdbx_description
1 polymer 'RNA (219-MER)'
2 polymer 'RNA (595-MER)'
3 non-polymer 'POTASSIUM ION'
4 non-polymer 'MAGNESIUM ION'
#
loop_
_entity_poly.entity_id
_entity_poly.type
_entity_poly.pdbx_seq_one_letter_code
_entity_poly.pdbx_strand_id
1 'polyribonucleotide'
;CCGGGGCGCCACCCCGGAAGUGAUGCGAGUCGCCAACUCGCAUCACAAGCAAACGCUGUAGCCGCGUGCCUCUAAUAGGG
CUGGCGCGGUUGCGAAGGGCGCUGGUGAGUGCAACUCUCACCUUCGACCCAAUCCAUCUUGCGGCUCAACCCCGCAAGAU
CAUCGCCAGACCGCUGGCGGCGUACUGAGUGACAAACGAGGCAAAACCAAAUUGAAGUU
;
A
2 'polyribonucleotide'
;GGGCGACCGUGAAACGGCGCUGGGCAGGAAAUGGCCCAGUGACCUGGUCAAUGGUGAAAGUCGGUGAAAGACCGACCGGU
GGGGCGUAUCGAAAGAGCGCAACACCUGCCGCACAGGAUGGCUUCUGAGGUACCGGUGACGGUACAGAACGCGGAGGGGA
AACCUGGAAGCGAGGGCACCUCGGGAAACCGGGGGUCGAUGCAUAGCUCAAACCUGUAACGGCACCAGUGGAGGGUGCUG
UGCGGAGCAACGUGGAGCCACAGGCAUGAAGCCGUGGUUCGUAGUCGAUGAGACAAGCGGUGAGUAAGGGAAGGGCUGCG
AACAUCGCCUCCCCGAAAUCCAAGGAAAGCCGAAAGGCUAGCCGCUUUGUUGAGACAGUGGCGCCACGUUGCGCAUUAGC
CGUGACCUAAACGGGGAACCUCUUGGCCGUACCGACUCGGGUGGCACCGGUCGGGCUCGAUGGCUCAAGAGGGGGAGAUG
UGAUGAUUAGGGUUUGACCCGUGAUGCGAUACGACCGAAGCAUCCGGGGAGCUGUCUGACGAAGAGUCGGCAGCAGUGGG
UUUGGCGACCCGCUCCGAAAGUCGCAAGCGUUUGC
;
B
#
loop_
_chem_comp.id
_chem_comp.type
_chem_comp.name
_chem_comp.formula
A RNA linking ADENOSINE-5'-MONOPHOSPHATE 'C10 H14 N5 O7 P'
C RNA linking CYTIDINE-5'-MONOPHOSPHATE 'C9 H14 N3 O8 P'
G RNA linking GUANOSINE-5'-MONOPHOSPHATE 'C10 H14 N5 O8 P'
K non-polymer 'POTASSIUM ION' 'K 1'
MG non-polymer 'MAGNESIUM ION' 'Mg 2'
U RNA linking URIDINE-5'-MONOPHOSPHATE 'C9 H13 N2 O9 P'
#
# COMPACT_ATOMS: atom_id res chain seq x y z
K K C . 20.48 -3.34 -7.61
K K D . 19.32 5.56 -9.74
K K E . 6.76 -0.39 -5.81
K K F . 18.14 9.89 4.94
MG MG G . 17.47 -6.86 -7.67
MG MG H . 15.32 -5.49 -4.16
MG MG I . 18.60 -3.21 3.30
MG MG J . 12.56 3.22 12.44
K K K . 8.52 1.80 -17.99
K K L . 10.40 22.74 -12.03
MG MG M . 11.81 12.96 -11.76
MG MG N . 7.16 11.05 -34.79
MG MG O . 0.58 7.77 -1.78
MG MG P . 2.25 -8.75 -6.00
MG MG Q . -15.15 -14.03 6.47
MG MG R . -16.40 -17.42 4.14
MG MG S . -14.37 23.28 -12.25
MG MG T . -21.13 21.77 -13.11
MG MG U . -13.97 -14.09 -26.71
MG MG V . -25.90 -19.15 42.70
MG MG W . -12.20 -27.91 41.40
MG MG X . -16.16 -30.84 35.81
MG MG Y . -23.55 -0.48 -21.31
MG MG Z . -30.67 -6.24 -13.61
MG MG AA . -7.19 -13.36 -36.51
MG MG BA . 27.18 15.90 -26.83
MG MG CA . 32.51 15.54 12.84
MG MG DA . -16.32 -9.69 11.70
MG MG EA . 36.50 4.56 13.88
MG MG FA . -9.58 22.05 1.64
MG MG GA . -10.31 -14.29 29.03
MG MG HA . -7.37 15.33 -16.43
MG MG IA . -4.65 14.20 -7.42
MG MG JA . -32.63 -20.98 19.89
MG MG KA . -13.39 6.23 22.38
MG MG LA . 25.38 2.65 30.96
#